data_4I5I
#
_entry.id   4I5I
#
_cell.length_a   106.513
_cell.length_b   106.513
_cell.length_c   80.663
_cell.angle_alpha   90.00
_cell.angle_beta   90.00
_cell.angle_gamma   120.00
#
_symmetry.space_group_name_H-M   'P 32'
#
loop_
_entity.id
_entity.type
_entity.pdbx_description
1 polymer 'NAD-dependent protein deacetylase sirtuin-1'
2 non-polymer (6S)-2-chloro-5,6,7,8,9,10-hexahydrocyclohepta[b]indole-6-carboxamide
3 non-polymer NICOTINAMIDE-ADENINE-DINUCLEOTIDE
4 non-polymer 'ZINC ION'
5 water water
#
_entity_poly.entity_id   1
_entity_poly.type   'polypeptide(L)'
_entity_poly.pdbx_seq_one_letter_code
;MALNTIEDAVKLLQECKKIIVLTGAGVSVSCGIPDFRSRDGIYARLAVDFPDLPDPQAMFDIEYFRKDPRPFFKFAKEIY
PGQFQPSLCHKFIALSDKEGKLLRNYTQNIDTLEQVAGIQRIIQCHGSFATASCLICKYKVDCEAVRGDIFNQVVPRCPR
CPADEPLAIMKPEIVFFGENLPEQFHRAMKYDKDEVDLLIVIGSSLKVRPVALIPSSIPHEVPQILINREPLPHLHFDVE
LLGDCDVIINELCHRLGGEYAKLCCNPVKLSEITEKPPREGHHHHHH
;
_entity_poly.pdbx_strand_id   A,B
#
# COMPACT_ATOMS: atom_id res chain seq x y z
N ASN A 4 -40.63 4.32 -11.45
CA ASN A 4 -39.54 4.41 -12.47
C ASN A 4 -39.33 5.85 -12.98
N THR A 5 -39.45 6.81 -12.06
CA THR A 5 -39.21 8.23 -12.37
C THR A 5 -38.08 8.77 -11.49
N ILE A 6 -37.56 9.94 -11.86
CA ILE A 6 -36.53 10.62 -11.05
C ILE A 6 -37.05 10.99 -9.66
N GLU A 7 -38.34 11.26 -9.55
CA GLU A 7 -39.00 11.55 -8.28
C GLU A 7 -38.96 10.33 -7.35
N ASP A 8 -39.10 9.14 -7.93
CA ASP A 8 -39.03 7.89 -7.18
C ASP A 8 -37.62 7.61 -6.66
N ALA A 9 -36.62 7.98 -7.45
CA ALA A 9 -35.22 7.87 -7.05
C ALA A 9 -34.92 8.77 -5.86
N VAL A 10 -35.45 9.99 -5.88
CA VAL A 10 -35.31 10.95 -4.78
C VAL A 10 -35.99 10.40 -3.52
N LYS A 11 -37.21 9.91 -3.66
CA LYS A 11 -37.94 9.32 -2.53
C LYS A 11 -37.15 8.17 -1.89
N LEU A 12 -36.61 7.28 -2.73
CA LEU A 12 -35.75 6.19 -2.28
C LEU A 12 -34.48 6.68 -1.58
N LEU A 13 -33.85 7.70 -2.14
CA LEU A 13 -32.64 8.31 -1.57
C LEU A 13 -32.90 8.96 -0.21
N GLN A 14 -34.09 9.52 -0.04
CA GLN A 14 -34.48 10.16 1.20
C GLN A 14 -34.85 9.15 2.29
N GLU A 15 -35.42 8.01 1.89
CA GLU A 15 -35.93 7.01 2.84
C GLU A 15 -34.91 5.95 3.27
N CYS A 16 -34.00 5.56 2.37
CA CYS A 16 -33.07 4.46 2.62
C CYS A 16 -31.81 4.89 3.37
N LYS A 17 -31.31 3.99 4.24
CA LYS A 17 -30.22 4.30 5.16
C LYS A 17 -28.99 3.42 5.00
N LYS A 18 -29.10 2.34 4.22
CA LYS A 18 -28.01 1.38 4.05
C LYS A 18 -27.79 1.12 2.55
N ILE A 19 -27.26 2.12 1.86
CA ILE A 19 -27.14 2.09 0.40
C ILE A 19 -25.85 1.43 -0.07
N ILE A 20 -25.97 0.52 -1.03
CA ILE A 20 -24.82 0.02 -1.76
C ILE A 20 -24.76 0.71 -3.13
N VAL A 21 -23.59 1.28 -3.42
CA VAL A 21 -23.34 1.86 -4.72
C VAL A 21 -22.33 1.00 -5.46
N LEU A 22 -22.72 0.52 -6.63
CA LEU A 22 -21.86 -0.27 -7.48
C LEU A 22 -21.43 0.60 -8.66
N THR A 23 -20.13 0.86 -8.76
CA THR A 23 -19.62 1.73 -9.82
C THR A 23 -18.70 1.01 -10.79
N GLY A 24 -18.71 1.47 -12.03
CA GLY A 24 -17.80 0.99 -13.05
C GLY A 24 -17.13 2.17 -13.74
N ALA A 25 -16.52 1.91 -14.89
CA ALA A 25 -15.66 2.88 -15.58
C ALA A 25 -16.38 4.15 -16.04
N GLY A 26 -17.70 4.10 -16.12
CA GLY A 26 -18.51 5.26 -16.51
C GLY A 26 -18.37 6.48 -15.62
N VAL A 27 -18.14 6.27 -14.32
CA VAL A 27 -18.04 7.38 -13.36
C VAL A 27 -16.76 8.22 -13.52
N SER A 28 -15.77 7.68 -14.22
CA SER A 28 -14.49 8.37 -14.39
C SER A 28 -14.29 8.94 -15.80
N VAL A 29 -15.30 8.78 -16.66
CA VAL A 29 -15.23 9.28 -18.04
C VAL A 29 -15.12 10.81 -18.11
N SER A 30 -15.86 11.50 -17.23
CA SER A 30 -15.82 12.95 -17.17
C SER A 30 -14.48 13.48 -16.62
N CYS A 31 -13.78 12.62 -15.86
CA CYS A 31 -12.47 12.95 -15.31
C CYS A 31 -11.39 12.87 -16.37
N GLY A 32 -11.68 12.19 -17.48
CA GLY A 32 -10.73 12.02 -18.57
C GLY A 32 -10.23 10.59 -18.73
N ILE A 33 -10.79 9.66 -17.97
CA ILE A 33 -10.44 8.25 -18.06
C ILE A 33 -11.52 7.53 -18.88
N PRO A 34 -11.13 6.92 -20.02
CA PRO A 34 -12.12 6.24 -20.86
C PRO A 34 -12.67 4.97 -20.21
N ASP A 35 -13.88 4.56 -20.62
CA ASP A 35 -14.43 3.29 -20.17
C ASP A 35 -13.87 2.15 -21.02
N PHE A 36 -14.43 0.95 -20.89
CA PHE A 36 -13.90 -0.21 -21.62
C PHE A 36 -14.58 -0.44 -22.97
N ARG A 37 -15.91 -0.45 -22.99
CA ARG A 37 -16.65 -1.04 -24.11
C ARG A 37 -17.37 -0.06 -25.05
N SER A 38 -17.30 1.22 -24.75
CA SER A 38 -17.87 2.23 -25.64
C SER A 38 -17.03 2.44 -26.90
N ARG A 39 -17.56 3.21 -27.84
CA ARG A 39 -16.84 3.51 -29.07
C ARG A 39 -15.56 4.32 -28.85
N ASP A 40 -15.50 5.04 -27.74
CA ASP A 40 -14.28 5.74 -27.33
C ASP A 40 -13.64 5.10 -26.10
N GLY A 41 -13.83 3.79 -25.97
CA GLY A 41 -13.33 3.05 -24.82
C GLY A 41 -11.94 2.47 -25.01
N ILE A 42 -11.43 1.86 -23.95
CA ILE A 42 -10.10 1.26 -23.89
C ILE A 42 -9.84 0.29 -25.05
N TYR A 43 -10.81 -0.58 -25.33
CA TYR A 43 -10.67 -1.58 -26.39
C TYR A 43 -10.43 -0.96 -27.77
N ALA A 44 -11.19 0.09 -28.09
CA ALA A 44 -11.04 0.80 -29.35
C ALA A 44 -9.68 1.47 -29.47
N ARG A 45 -9.19 2.04 -28.36
CA ARG A 45 -7.89 2.70 -28.32
C ARG A 45 -6.73 1.70 -28.37
N LEU A 46 -6.92 0.55 -27.72
CA LEU A 46 -5.94 -0.54 -27.74
C LEU A 46 -5.78 -1.19 -29.12
N ALA A 47 -6.87 -1.26 -29.89
CA ALA A 47 -6.84 -1.84 -31.23
C ALA A 47 -5.95 -1.04 -32.18
N VAL A 48 -5.85 0.26 -31.93
CA VAL A 48 -5.00 1.17 -32.72
C VAL A 48 -3.57 1.21 -32.15
N ASP A 49 -3.46 1.47 -30.84
CA ASP A 49 -2.16 1.68 -30.19
C ASP A 49 -1.36 0.40 -29.94
N PHE A 50 -2.06 -0.73 -29.85
CA PHE A 50 -1.41 -2.02 -29.62
C PHE A 50 -1.94 -3.09 -30.58
N PRO A 51 -1.67 -2.93 -31.90
CA PRO A 51 -2.25 -3.83 -32.90
C PRO A 51 -1.66 -5.24 -32.89
N ASP A 52 -0.54 -5.43 -32.20
CA ASP A 52 0.14 -6.72 -32.14
C ASP A 52 -0.50 -7.72 -31.16
N LEU A 53 -1.39 -7.22 -30.30
CA LEU A 53 -2.16 -8.06 -29.39
C LEU A 53 -3.15 -8.93 -30.19
N PRO A 54 -3.36 -10.19 -29.75
CA PRO A 54 -4.36 -11.07 -30.38
C PRO A 54 -5.74 -10.39 -30.43
N ASP A 55 -6.12 -9.77 -29.32
CA ASP A 55 -7.33 -8.96 -29.22
C ASP A 55 -7.11 -7.94 -28.10
N PRO A 56 -7.91 -6.86 -28.06
CA PRO A 56 -7.71 -5.86 -27.00
C PRO A 56 -7.87 -6.40 -25.57
N GLN A 57 -8.62 -7.49 -25.40
CA GLN A 57 -8.85 -8.11 -24.09
C GLN A 57 -7.60 -8.79 -23.52
N ALA A 58 -6.59 -9.00 -24.37
CA ALA A 58 -5.34 -9.66 -23.97
C ALA A 58 -4.51 -8.83 -23.00
N MET A 59 -4.67 -7.51 -23.07
CA MET A 59 -3.93 -6.56 -22.23
C MET A 59 -4.09 -6.81 -20.73
N PHE A 60 -5.29 -7.25 -20.33
CA PHE A 60 -5.58 -7.52 -18.93
C PHE A 60 -6.06 -8.96 -18.76
N ASP A 61 -5.40 -9.88 -19.46
CA ASP A 61 -5.72 -11.30 -19.41
C ASP A 61 -4.51 -12.04 -18.85
N ILE A 62 -4.74 -12.86 -17.83
CA ILE A 62 -3.63 -13.54 -17.14
C ILE A 62 -2.89 -14.55 -18.03
N GLU A 63 -3.61 -15.21 -18.93
CA GLU A 63 -3.00 -16.17 -19.85
C GLU A 63 -2.03 -15.50 -20.82
N TYR A 64 -2.40 -14.35 -21.37
CA TYR A 64 -1.52 -13.62 -22.27
C TYR A 64 -0.34 -12.98 -21.52
N PHE A 65 -0.62 -12.45 -20.33
CA PHE A 65 0.41 -11.85 -19.48
C PHE A 65 1.53 -12.84 -19.18
N ARG A 66 1.14 -14.08 -18.86
CA ARG A 66 2.09 -15.18 -18.64
C ARG A 66 2.94 -15.47 -19.89
N LYS A 67 2.33 -15.36 -21.06
CA LYS A 67 3.03 -15.56 -22.32
C LYS A 67 3.98 -14.40 -22.65
N ASP A 68 3.46 -13.17 -22.56
CA ASP A 68 4.25 -11.97 -22.84
C ASP A 68 3.74 -10.78 -22.01
N PRO A 69 4.50 -10.40 -20.96
CA PRO A 69 4.13 -9.30 -20.07
C PRO A 69 4.59 -7.91 -20.52
N ARG A 70 5.30 -7.84 -21.64
CA ARG A 70 5.84 -6.55 -22.13
C ARG A 70 4.79 -5.52 -22.53
N PRO A 71 3.72 -5.92 -23.25
CA PRO A 71 2.69 -4.92 -23.59
C PRO A 71 2.05 -4.27 -22.37
N PHE A 72 1.75 -5.05 -21.33
CA PHE A 72 1.19 -4.48 -20.10
C PHE A 72 2.09 -3.42 -19.47
N PHE A 73 3.39 -3.69 -19.41
CA PHE A 73 4.31 -2.75 -18.77
C PHE A 73 4.69 -1.57 -19.66
N LYS A 74 4.37 -1.66 -20.96
CA LYS A 74 4.40 -0.52 -21.85
C LYS A 74 3.22 0.41 -21.55
N PHE A 75 2.10 -0.19 -21.15
CA PHE A 75 0.82 0.51 -20.99
C PHE A 75 0.52 0.94 -19.55
N ALA A 76 1.08 0.23 -18.57
CA ALA A 76 0.74 0.40 -17.15
C ALA A 76 0.79 1.84 -16.64
N LYS A 77 1.78 2.61 -17.08
CA LYS A 77 1.94 4.00 -16.66
C LYS A 77 0.78 4.91 -17.09
N GLU A 78 0.11 4.52 -18.18
CA GLU A 78 -1.05 5.26 -18.70
C GLU A 78 -2.26 5.14 -17.77
N ILE A 79 -2.38 3.99 -17.09
CA ILE A 79 -3.50 3.73 -16.19
C ILE A 79 -3.13 3.82 -14.69
N TYR A 80 -1.90 4.23 -14.40
CA TYR A 80 -1.42 4.38 -13.03
C TYR A 80 -2.13 5.55 -12.35
N PRO A 81 -2.57 5.35 -11.09
CA PRO A 81 -3.32 6.39 -10.37
C PRO A 81 -2.50 7.63 -10.01
N GLY A 82 -3.19 8.72 -9.71
CA GLY A 82 -2.56 9.93 -9.19
C GLY A 82 -2.45 11.11 -10.15
N GLN A 83 -3.22 11.07 -11.25
CA GLN A 83 -3.15 12.13 -12.25
C GLN A 83 -4.50 12.78 -12.61
N PHE A 84 -5.58 12.27 -12.05
CA PHE A 84 -6.92 12.80 -12.31
C PHE A 84 -7.63 13.26 -11.03
N GLN A 85 -8.69 14.06 -11.21
CA GLN A 85 -9.50 14.55 -10.10
C GLN A 85 -10.88 13.89 -10.09
N PRO A 86 -11.47 13.68 -8.89
CA PRO A 86 -12.76 12.99 -8.79
C PRO A 86 -13.90 13.72 -9.49
N SER A 87 -14.88 12.94 -9.96
CA SER A 87 -16.08 13.49 -10.60
C SER A 87 -17.15 13.86 -9.57
N LEU A 88 -18.23 14.46 -10.04
CA LEU A 88 -19.40 14.75 -9.21
C LEU A 88 -19.94 13.48 -8.56
N CYS A 89 -19.98 12.38 -9.32
CA CYS A 89 -20.45 11.09 -8.81
C CYS A 89 -19.65 10.61 -7.61
N HIS A 90 -18.31 10.69 -7.70
CA HIS A 90 -17.44 10.36 -6.56
C HIS A 90 -17.75 11.19 -5.36
N LYS A 91 -17.99 12.48 -5.58
CA LYS A 91 -18.29 13.43 -4.51
C LYS A 91 -19.66 13.17 -3.89
N PHE A 92 -20.61 12.74 -4.70
CA PHE A 92 -21.94 12.37 -4.21
C PHE A 92 -21.87 11.16 -3.29
N ILE A 93 -21.11 10.15 -3.70
CA ILE A 93 -20.90 8.94 -2.91
C ILE A 93 -20.17 9.28 -1.61
N ALA A 94 -19.18 10.17 -1.71
CA ALA A 94 -18.43 10.65 -0.53
C ALA A 94 -19.33 11.34 0.47
N LEU A 95 -20.24 12.19 -0.02
CA LEU A 95 -21.18 12.88 0.85
C LEU A 95 -22.14 11.90 1.53
N SER A 96 -22.65 10.93 0.77
CA SER A 96 -23.51 9.88 1.32
C SER A 96 -22.82 9.12 2.46
N ASP A 97 -21.50 8.92 2.32
CA ASP A 97 -20.69 8.26 3.34
C ASP A 97 -20.58 9.12 4.60
N LYS A 98 -20.30 10.41 4.41
CA LYS A 98 -20.24 11.37 5.52
C LYS A 98 -21.58 11.49 6.24
N GLU A 99 -22.67 11.42 5.47
CA GLU A 99 -24.03 11.50 6.01
C GLU A 99 -24.47 10.20 6.71
N GLY A 100 -23.65 9.16 6.61
CA GLY A 100 -23.91 7.88 7.26
C GLY A 100 -24.91 6.97 6.56
N LYS A 101 -25.22 7.28 5.31
CA LYS A 101 -26.21 6.53 4.54
C LYS A 101 -25.60 5.44 3.65
N LEU A 102 -24.28 5.47 3.46
CA LEU A 102 -23.60 4.53 2.59
C LEU A 102 -23.16 3.26 3.33
N LEU A 103 -23.71 2.12 2.92
CA LEU A 103 -23.25 0.84 3.43
C LEU A 103 -21.92 0.44 2.78
N ARG A 104 -21.83 0.59 1.45
CA ARG A 104 -20.62 0.25 0.72
C ARG A 104 -20.62 0.80 -0.70
N ASN A 105 -19.44 1.25 -1.13
CA ASN A 105 -19.18 1.50 -2.53
C ASN A 105 -18.30 0.38 -3.06
N TYR A 106 -18.89 -0.54 -3.82
CA TYR A 106 -18.14 -1.53 -4.57
C TYR A 106 -17.71 -0.91 -5.89
N THR A 107 -16.41 -0.70 -6.05
CA THR A 107 -15.89 -0.15 -7.30
C THR A 107 -15.12 -1.17 -8.13
N GLN A 108 -15.35 -1.13 -9.44
CA GLN A 108 -14.66 -1.97 -10.40
C GLN A 108 -13.46 -1.23 -10.98
N ASN A 109 -13.33 0.05 -10.66
CA ASN A 109 -12.23 0.88 -11.13
C ASN A 109 -10.97 0.70 -10.30
N ILE A 110 -9.83 0.94 -10.93
CA ILE A 110 -8.54 0.88 -10.25
C ILE A 110 -7.91 2.27 -10.10
N ASP A 111 -8.59 3.29 -10.64
CA ASP A 111 -8.06 4.66 -10.67
C ASP A 111 -7.85 5.30 -9.28
N THR A 112 -8.49 4.73 -8.26
CA THR A 112 -8.33 5.14 -6.86
C THR A 112 -8.81 6.58 -6.59
N LEU A 113 -9.72 7.06 -7.43
CA LEU A 113 -10.33 8.38 -7.25
C LEU A 113 -11.24 8.44 -6.03
N GLU A 114 -11.72 7.28 -5.58
CA GLU A 114 -12.53 7.18 -4.36
C GLU A 114 -11.74 7.66 -3.13
N GLN A 115 -10.45 7.37 -3.12
CA GLN A 115 -9.56 7.80 -2.05
C GLN A 115 -9.31 9.30 -2.07
N VAL A 116 -9.25 9.88 -3.26
CA VAL A 116 -9.09 11.33 -3.41
C VAL A 116 -10.39 12.05 -3.00
N ALA A 117 -11.53 11.48 -3.39
CA ALA A 117 -12.84 12.06 -3.07
C ALA A 117 -13.18 11.95 -1.58
N GLY A 118 -12.64 10.93 -0.92
CA GLY A 118 -12.86 10.74 0.50
C GLY A 118 -13.95 9.75 0.86
N ILE A 119 -14.10 8.70 0.06
CA ILE A 119 -15.04 7.62 0.35
C ILE A 119 -14.35 6.57 1.22
N GLN A 120 -14.84 6.40 2.44
CA GLN A 120 -14.23 5.45 3.39
C GLN A 120 -14.74 4.02 3.19
N ARG A 121 -16.06 3.86 3.12
CA ARG A 121 -16.68 2.54 3.01
C ARG A 121 -16.61 2.04 1.57
N ILE A 122 -15.41 1.61 1.19
CA ILE A 122 -15.09 1.33 -0.20
C ILE A 122 -14.47 -0.06 -0.35
N ILE A 123 -14.85 -0.76 -1.42
CA ILE A 123 -14.25 -2.03 -1.79
C ILE A 123 -13.74 -1.91 -3.22
N GLN A 124 -12.44 -2.11 -3.39
CA GLN A 124 -11.86 -2.15 -4.72
C GLN A 124 -11.92 -3.59 -5.24
N CYS A 125 -13.03 -3.91 -5.91
CA CYS A 125 -13.34 -5.26 -6.37
C CYS A 125 -12.31 -5.83 -7.32
N HIS A 126 -11.73 -4.97 -8.15
CA HIS A 126 -10.77 -5.40 -9.16
C HIS A 126 -9.35 -5.01 -8.81
N GLY A 127 -9.10 -4.85 -7.51
CA GLY A 127 -7.76 -4.57 -6.99
C GLY A 127 -7.25 -3.18 -7.29
N SER A 128 -5.93 -3.01 -7.15
CA SER A 128 -5.27 -1.72 -7.38
C SER A 128 -3.77 -1.89 -7.54
N PHE A 129 -3.10 -0.80 -7.89
CA PHE A 129 -1.64 -0.77 -8.03
C PHE A 129 -0.89 -0.72 -6.70
N ALA A 130 -1.62 -0.57 -5.59
CA ALA A 130 -1.02 -0.41 -4.26
C ALA A 130 -0.01 -1.51 -3.90
N THR A 131 -0.25 -2.73 -4.38
CA THR A 131 0.66 -3.84 -4.15
C THR A 131 0.99 -4.57 -5.46
N ALA A 132 2.08 -5.32 -5.45
CA ALA A 132 2.46 -6.17 -6.57
C ALA A 132 2.83 -7.56 -6.08
N SER A 133 2.62 -8.57 -6.91
CA SER A 133 2.81 -9.96 -6.51
C SER A 133 3.51 -10.75 -7.62
N CYS A 134 4.46 -11.61 -7.21
CA CYS A 134 5.16 -12.49 -8.14
C CYS A 134 4.23 -13.60 -8.63
N LEU A 135 4.24 -13.85 -9.93
CA LEU A 135 3.38 -14.89 -10.53
C LEU A 135 3.70 -16.28 -10.00
N ILE A 136 4.99 -16.56 -9.81
CA ILE A 136 5.46 -17.87 -9.38
C ILE A 136 5.33 -18.11 -7.89
N CYS A 137 6.00 -17.28 -7.08
CA CYS A 137 6.12 -17.53 -5.64
C CYS A 137 5.15 -16.73 -4.76
N LYS A 138 4.40 -15.82 -5.38
CA LYS A 138 3.38 -15.00 -4.71
C LYS A 138 3.95 -14.01 -3.67
N TYR A 139 5.23 -13.69 -3.81
CA TYR A 139 5.88 -12.68 -2.97
C TYR A 139 5.27 -11.29 -3.20
N LYS A 140 4.86 -10.65 -2.11
CA LYS A 140 4.17 -9.35 -2.16
C LYS A 140 5.09 -8.18 -1.84
N VAL A 141 4.97 -7.11 -2.63
CA VAL A 141 5.63 -5.83 -2.34
C VAL A 141 4.60 -4.70 -2.38
N ASP A 142 4.97 -3.55 -1.83
CA ASP A 142 4.18 -2.34 -1.98
C ASP A 142 4.59 -1.65 -3.28
N CYS A 143 3.72 -0.81 -3.81
CA CYS A 143 3.89 -0.20 -5.13
C CYS A 143 5.25 0.46 -5.37
N GLU A 144 5.80 1.08 -4.33
CA GLU A 144 7.07 1.82 -4.43
C GLU A 144 8.23 0.98 -4.95
N ALA A 145 8.25 -0.30 -4.56
CA ALA A 145 9.27 -1.24 -5.02
C ALA A 145 9.28 -1.44 -6.54
N VAL A 146 8.11 -1.29 -7.17
CA VAL A 146 7.98 -1.50 -8.61
C VAL A 146 7.61 -0.26 -9.42
N ARG A 147 7.45 0.88 -8.73
CA ARG A 147 7.03 2.13 -9.38
C ARG A 147 8.02 2.61 -10.45
N GLY A 148 9.31 2.56 -10.13
CA GLY A 148 10.37 2.95 -11.07
C GLY A 148 10.34 2.16 -12.37
N ASP A 149 10.18 0.84 -12.24
CA ASP A 149 10.10 -0.05 -13.41
C ASP A 149 8.87 0.24 -14.28
N ILE A 150 7.74 0.51 -13.64
CA ILE A 150 6.49 0.85 -14.33
C ILE A 150 6.65 2.14 -15.15
N PHE A 151 7.19 3.18 -14.54
CA PHE A 151 7.37 4.47 -15.23
C PHE A 151 8.50 4.47 -16.26
N ASN A 152 9.33 3.43 -16.23
CA ASN A 152 10.35 3.22 -17.26
C ASN A 152 9.93 2.16 -18.28
N GLN A 153 8.69 1.69 -18.16
CA GLN A 153 8.10 0.67 -19.06
C GLN A 153 8.88 -0.66 -19.06
N VAL A 154 9.50 -0.95 -17.93
CA VAL A 154 10.32 -2.15 -17.74
C VAL A 154 9.51 -3.21 -16.99
N VAL A 155 9.77 -4.48 -17.30
CA VAL A 155 9.16 -5.60 -16.58
C VAL A 155 9.91 -5.82 -15.24
N PRO A 156 9.22 -5.55 -14.11
CA PRO A 156 9.83 -5.72 -12.79
C PRO A 156 9.95 -7.19 -12.40
N ARG A 157 11.14 -7.58 -11.93
CA ARG A 157 11.40 -8.97 -11.60
C ARG A 157 11.35 -9.24 -10.10
N CYS A 158 11.01 -10.48 -9.75
CA CYS A 158 10.93 -10.92 -8.37
C CYS A 158 12.33 -11.00 -7.75
N PRO A 159 12.48 -10.44 -6.53
CA PRO A 159 13.78 -10.52 -5.83
C PRO A 159 14.10 -11.91 -5.28
N ARG A 160 13.06 -12.68 -4.95
CA ARG A 160 13.22 -14.02 -4.37
C ARG A 160 13.63 -15.07 -5.39
N CYS A 161 12.84 -15.18 -6.46
CA CYS A 161 13.04 -16.20 -7.50
C CYS A 161 14.37 -16.01 -8.24
N PRO A 162 14.97 -17.12 -8.71
CA PRO A 162 16.21 -17.05 -9.48
C PRO A 162 16.02 -16.34 -10.81
N ALA A 163 17.09 -15.71 -11.32
CA ALA A 163 17.06 -14.98 -12.58
C ALA A 163 16.80 -15.87 -13.79
N ASP A 164 16.86 -17.19 -13.57
CA ASP A 164 16.65 -18.18 -14.63
C ASP A 164 15.18 -18.46 -14.93
N GLU A 165 14.29 -18.08 -14.01
CA GLU A 165 12.84 -18.27 -14.18
C GLU A 165 12.22 -17.09 -14.94
N PRO A 166 11.60 -17.35 -16.10
CA PRO A 166 11.07 -16.29 -16.96
C PRO A 166 9.77 -15.66 -16.44
N LEU A 167 8.99 -16.41 -15.67
CA LEU A 167 7.71 -15.95 -15.16
C LEU A 167 7.78 -15.35 -13.75
N ALA A 168 8.99 -15.06 -13.29
CA ALA A 168 9.20 -14.40 -11.99
C ALA A 168 9.00 -12.90 -12.14
N ILE A 169 7.75 -12.52 -12.39
CA ILE A 169 7.37 -11.15 -12.73
C ILE A 169 6.50 -10.56 -11.62
N MET A 170 6.85 -9.35 -11.19
CA MET A 170 6.03 -8.64 -10.20
C MET A 170 4.84 -7.99 -10.89
N LYS A 171 3.68 -8.62 -10.76
CA LYS A 171 2.45 -8.10 -11.35
C LYS A 171 1.65 -7.30 -10.31
N PRO A 172 1.30 -6.04 -10.65
CA PRO A 172 0.42 -5.23 -9.79
C PRO A 172 -0.87 -5.97 -9.51
N GLU A 173 -1.35 -5.88 -8.28
CA GLU A 173 -2.52 -6.66 -7.86
C GLU A 173 -3.85 -6.04 -8.31
N ILE A 174 -3.94 -5.79 -9.61
CA ILE A 174 -5.20 -5.48 -10.29
C ILE A 174 -5.69 -6.77 -10.93
N VAL A 175 -7.00 -7.01 -10.89
CA VAL A 175 -7.55 -8.31 -11.27
C VAL A 175 -7.73 -8.47 -12.78
N PHE A 176 -6.94 -9.38 -13.34
CA PHE A 176 -7.01 -9.76 -14.75
C PHE A 176 -8.06 -10.85 -14.92
N PHE A 177 -8.51 -11.06 -16.17
CA PHE A 177 -9.35 -12.22 -16.48
C PHE A 177 -8.62 -13.50 -16.08
N GLY A 178 -9.34 -14.39 -15.39
CA GLY A 178 -8.77 -15.67 -14.94
C GLY A 178 -8.21 -15.64 -13.52
N GLU A 179 -8.21 -14.47 -12.90
CA GLU A 179 -7.70 -14.31 -11.54
C GLU A 179 -8.83 -14.19 -10.51
N ASN A 180 -8.56 -14.62 -9.29
CA ASN A 180 -9.50 -14.43 -8.19
C ASN A 180 -9.49 -12.99 -7.69
N LEU A 181 -10.62 -12.55 -7.17
CA LEU A 181 -10.76 -11.21 -6.61
C LEU A 181 -10.22 -11.18 -5.19
N PRO A 182 -9.85 -9.99 -4.68
CA PRO A 182 -9.36 -9.90 -3.30
C PRO A 182 -10.40 -10.42 -2.30
N GLU A 183 -9.91 -11.09 -1.25
CA GLU A 183 -10.76 -11.71 -0.22
C GLU A 183 -11.74 -10.74 0.43
N GLN A 184 -11.33 -9.48 0.57
CA GLN A 184 -12.18 -8.45 1.19
C GLN A 184 -13.48 -8.21 0.42
N PHE A 185 -13.47 -8.45 -0.89
CA PHE A 185 -14.70 -8.36 -1.70
C PHE A 185 -15.74 -9.41 -1.27
N HIS A 186 -15.33 -10.67 -1.16
CA HIS A 186 -16.23 -11.75 -0.77
C HIS A 186 -16.66 -11.63 0.67
N ARG A 187 -15.74 -11.15 1.52
CA ARG A 187 -16.03 -10.91 2.93
C ARG A 187 -17.12 -9.87 3.10
N ALA A 188 -16.98 -8.74 2.40
CA ALA A 188 -17.93 -7.64 2.48
C ALA A 188 -19.32 -8.01 1.95
N MET A 189 -19.38 -8.71 0.82
CA MET A 189 -20.65 -9.12 0.22
C MET A 189 -21.45 -10.07 1.10
N LYS A 190 -20.75 -10.97 1.80
CA LYS A 190 -21.36 -11.91 2.74
C LYS A 190 -22.13 -11.19 3.84
N TYR A 191 -21.58 -10.08 4.33
CA TYR A 191 -22.22 -9.26 5.35
C TYR A 191 -23.23 -8.26 4.77
N ASP A 192 -22.83 -7.57 3.70
CA ASP A 192 -23.64 -6.48 3.13
C ASP A 192 -24.98 -6.91 2.55
N LYS A 193 -25.04 -8.12 2.00
CA LYS A 193 -26.24 -8.61 1.33
C LYS A 193 -27.47 -8.67 2.25
N ASP A 194 -27.24 -8.83 3.55
CA ASP A 194 -28.32 -8.91 4.53
C ASP A 194 -28.66 -7.55 5.18
N GLU A 195 -27.84 -6.54 4.91
CA GLU A 195 -28.03 -5.21 5.49
C GLU A 195 -28.59 -4.19 4.50
N VAL A 196 -28.24 -4.35 3.21
CA VAL A 196 -28.60 -3.40 2.15
C VAL A 196 -30.10 -3.13 2.03
N ASP A 197 -30.47 -1.86 1.96
CA ASP A 197 -31.86 -1.46 1.73
C ASP A 197 -32.08 -0.69 0.41
N LEU A 198 -30.99 -0.41 -0.30
CA LEU A 198 -31.04 0.18 -1.63
C LEU A 198 -29.74 -0.07 -2.40
N LEU A 199 -29.89 -0.44 -3.67
CA LEU A 199 -28.74 -0.68 -4.55
C LEU A 199 -28.77 0.28 -5.73
N ILE A 200 -27.66 0.99 -5.94
CA ILE A 200 -27.52 1.90 -7.07
C ILE A 200 -26.35 1.45 -7.93
N VAL A 201 -26.62 1.22 -9.20
CA VAL A 201 -25.56 0.91 -10.16
C VAL A 201 -25.27 2.15 -11.01
N ILE A 202 -24.01 2.57 -11.03
CA ILE A 202 -23.60 3.75 -11.81
C ILE A 202 -22.45 3.44 -12.75
N GLY A 203 -22.65 3.70 -14.03
CA GLY A 203 -21.58 3.68 -15.03
C GLY A 203 -20.91 2.33 -15.23
N SER A 204 -21.72 1.27 -15.27
CA SER A 204 -21.20 -0.07 -15.50
C SER A 204 -22.15 -0.87 -16.40
N SER A 205 -21.56 -1.64 -17.32
CA SER A 205 -22.32 -2.52 -18.19
C SER A 205 -22.64 -3.86 -17.51
N LEU A 206 -22.00 -4.10 -16.36
CA LEU A 206 -22.21 -5.34 -15.58
C LEU A 206 -22.09 -6.62 -16.41
N LYS A 207 -21.02 -6.70 -17.20
CA LYS A 207 -20.78 -7.84 -18.06
C LYS A 207 -19.71 -8.79 -17.51
N VAL A 208 -19.13 -8.41 -16.37
CA VAL A 208 -18.01 -9.13 -15.78
C VAL A 208 -18.36 -9.75 -14.42
N ARG A 209 -18.24 -11.07 -14.34
CA ARG A 209 -18.45 -11.83 -13.11
C ARG A 209 -17.21 -11.73 -12.21
N PRO A 210 -17.39 -11.84 -10.87
CA PRO A 210 -18.63 -12.04 -10.12
C PRO A 210 -19.36 -10.76 -9.72
N VAL A 211 -18.76 -9.60 -9.95
CA VAL A 211 -19.41 -8.32 -9.61
C VAL A 211 -20.79 -8.18 -10.26
N ALA A 212 -20.94 -8.69 -11.49
CA ALA A 212 -22.21 -8.67 -12.20
C ALA A 212 -23.32 -9.49 -11.51
N LEU A 213 -22.92 -10.31 -10.55
CA LEU A 213 -23.86 -11.15 -9.80
C LEU A 213 -24.46 -10.47 -8.58
N ILE A 214 -23.88 -9.33 -8.17
CA ILE A 214 -24.35 -8.57 -7.00
C ILE A 214 -25.85 -8.22 -7.06
N PRO A 215 -26.32 -7.62 -8.18
CA PRO A 215 -27.74 -7.23 -8.24
C PRO A 215 -28.74 -8.37 -7.99
N SER A 216 -28.35 -9.61 -8.30
CA SER A 216 -29.24 -10.76 -8.06
C SER A 216 -28.88 -11.55 -6.81
N SER A 217 -27.77 -11.18 -6.16
CA SER A 217 -27.34 -11.88 -4.96
C SER A 217 -27.91 -11.26 -3.69
N ILE A 218 -28.49 -10.07 -3.82
CA ILE A 218 -29.15 -9.41 -2.69
C ILE A 218 -30.64 -9.71 -2.75
N PRO A 219 -31.36 -9.59 -1.61
CA PRO A 219 -32.80 -9.86 -1.62
C PRO A 219 -33.54 -9.11 -2.73
N HIS A 220 -34.46 -9.81 -3.40
CA HIS A 220 -35.23 -9.28 -4.51
C HIS A 220 -36.06 -8.08 -4.13
N GLU A 221 -36.49 -8.02 -2.87
CA GLU A 221 -37.34 -6.92 -2.38
C GLU A 221 -36.61 -5.58 -2.24
N VAL A 222 -35.29 -5.61 -2.21
CA VAL A 222 -34.48 -4.39 -2.12
C VAL A 222 -34.58 -3.58 -3.42
N PRO A 223 -35.05 -2.32 -3.33
CA PRO A 223 -35.16 -1.49 -4.53
C PRO A 223 -33.81 -1.22 -5.19
N GLN A 224 -33.79 -1.16 -6.52
CA GLN A 224 -32.56 -0.97 -7.28
C GLN A 224 -32.70 0.16 -8.29
N ILE A 225 -31.69 1.02 -8.31
CA ILE A 225 -31.64 2.16 -9.24
C ILE A 225 -30.47 1.99 -10.21
N LEU A 226 -30.71 2.30 -11.47
CA LEU A 226 -29.64 2.35 -12.46
C LEU A 226 -29.41 3.80 -12.92
N ILE A 227 -28.16 4.25 -12.82
CA ILE A 227 -27.74 5.52 -13.38
C ILE A 227 -26.70 5.19 -14.45
N ASN A 228 -27.10 5.29 -15.71
CA ASN A 228 -26.27 4.84 -16.81
C ASN A 228 -26.69 5.45 -18.14
N ARG A 229 -25.75 5.46 -19.09
CA ARG A 229 -25.99 6.02 -20.42
C ARG A 229 -26.95 5.15 -21.21
N GLU A 230 -26.92 3.86 -20.93
CA GLU A 230 -27.72 2.86 -21.65
C GLU A 230 -28.38 1.89 -20.66
N PRO A 231 -29.53 1.30 -21.04
CA PRO A 231 -30.11 0.27 -20.17
C PRO A 231 -29.27 -1.00 -20.22
N LEU A 232 -29.35 -1.80 -19.17
CA LEU A 232 -28.71 -3.12 -19.17
C LEU A 232 -29.79 -4.16 -19.45
N PRO A 233 -29.88 -4.64 -20.69
CA PRO A 233 -30.99 -5.48 -21.17
C PRO A 233 -31.24 -6.73 -20.33
N HIS A 234 -30.17 -7.33 -19.80
CA HIS A 234 -30.26 -8.56 -19.03
C HIS A 234 -30.80 -8.38 -17.62
N LEU A 235 -30.78 -7.14 -17.11
CA LEU A 235 -31.20 -6.86 -15.73
C LEU A 235 -32.42 -5.95 -15.63
N HIS A 236 -33.28 -6.25 -14.66
CA HIS A 236 -34.44 -5.40 -14.35
C HIS A 236 -34.22 -4.55 -13.13
N PHE A 237 -34.32 -3.23 -13.32
CA PHE A 237 -34.21 -2.27 -12.24
C PHE A 237 -35.59 -1.67 -11.94
N ASP A 238 -35.76 -1.16 -10.72
CA ASP A 238 -37.01 -0.49 -10.36
C ASP A 238 -37.04 0.93 -10.92
N VAL A 239 -35.89 1.59 -10.92
CA VAL A 239 -35.75 2.93 -11.51
C VAL A 239 -34.56 2.93 -12.47
N GLU A 240 -34.81 3.34 -13.71
CA GLU A 240 -33.74 3.51 -14.69
C GLU A 240 -33.60 4.98 -15.07
N LEU A 241 -32.50 5.59 -14.61
CA LEU A 241 -32.17 6.95 -14.97
C LEU A 241 -31.11 6.91 -16.06
N LEU A 242 -31.53 7.23 -17.28
CA LEU A 242 -30.69 7.07 -18.46
C LEU A 242 -30.12 8.39 -18.98
N GLY A 243 -28.80 8.44 -19.10
CA GLY A 243 -28.09 9.64 -19.55
C GLY A 243 -26.74 9.75 -18.90
N ASP A 244 -26.15 10.95 -18.96
CA ASP A 244 -24.86 11.22 -18.35
C ASP A 244 -25.00 11.18 -16.83
N CYS A 245 -24.14 10.40 -16.18
CA CYS A 245 -24.25 10.16 -14.74
C CYS A 245 -24.03 11.40 -13.89
N ASP A 246 -23.14 12.29 -14.34
CA ASP A 246 -22.93 13.57 -13.65
C ASP A 246 -24.13 14.51 -13.78
N VAL A 247 -24.77 14.53 -14.95
CA VAL A 247 -25.97 15.32 -15.18
C VAL A 247 -27.10 14.83 -14.26
N ILE A 248 -27.27 13.50 -14.21
CA ILE A 248 -28.31 12.88 -13.39
C ILE A 248 -28.07 13.12 -11.90
N ILE A 249 -26.84 12.91 -11.45
CA ILE A 249 -26.46 13.12 -10.05
C ILE A 249 -26.64 14.59 -9.66
N ASN A 250 -26.24 15.48 -10.56
CA ASN A 250 -26.45 16.92 -10.38
C ASN A 250 -27.91 17.27 -10.19
N GLU A 251 -28.77 16.62 -10.98
CA GLU A 251 -30.22 16.82 -10.87
C GLU A 251 -30.77 16.23 -9.57
N LEU A 252 -30.22 15.09 -9.15
CA LEU A 252 -30.60 14.47 -7.88
C LEU A 252 -30.19 15.35 -6.69
N CYS A 253 -29.01 15.95 -6.79
CA CYS A 253 -28.50 16.85 -5.76
C CYS A 253 -29.35 18.11 -5.58
N HIS A 254 -29.85 18.67 -6.69
CA HIS A 254 -30.79 19.79 -6.63
C HIS A 254 -32.04 19.41 -5.88
N ARG A 255 -32.63 18.27 -6.23
CA ARG A 255 -33.90 17.83 -5.66
C ARG A 255 -33.79 17.38 -4.20
N LEU A 256 -32.60 16.91 -3.81
CA LEU A 256 -32.37 16.48 -2.43
C LEU A 256 -32.16 17.66 -1.49
N GLY A 257 -31.51 18.71 -1.98
CA GLY A 257 -31.25 19.91 -1.19
C GLY A 257 -30.22 19.69 -0.11
N GLY A 258 -30.17 20.61 0.86
CA GLY A 258 -29.26 20.52 1.99
C GLY A 258 -27.80 20.49 1.59
N GLU A 259 -27.10 19.46 2.06
CA GLU A 259 -25.67 19.29 1.78
C GLU A 259 -25.42 18.85 0.34
N TYR A 260 -26.38 18.13 -0.23
CA TYR A 260 -26.28 17.61 -1.59
C TYR A 260 -26.32 18.74 -2.62
N ALA A 261 -27.16 19.74 -2.37
CA ALA A 261 -27.28 20.89 -3.28
C ALA A 261 -26.00 21.72 -3.36
N LYS A 262 -25.13 21.59 -2.35
CA LYS A 262 -23.82 22.26 -2.35
C LYS A 262 -22.85 21.66 -3.36
N LEU A 263 -23.13 20.44 -3.81
CA LEU A 263 -22.29 19.76 -4.80
C LEU A 263 -22.64 20.16 -6.23
N CYS A 264 -23.80 20.80 -6.41
CA CYS A 264 -24.29 21.18 -7.73
C CYS A 264 -23.31 22.06 -8.51
N CYS A 265 -23.24 21.80 -9.81
CA CYS A 265 -22.29 22.48 -10.69
C CYS A 265 -22.80 22.44 -12.13
N ASN A 266 -21.89 22.63 -13.08
CA ASN A 266 -22.21 22.53 -14.51
C ASN A 266 -21.37 21.45 -15.19
N PRO A 267 -21.82 20.19 -15.08
CA PRO A 267 -21.02 19.03 -15.50
C PRO A 267 -20.87 18.88 -17.02
N VAL A 268 -21.76 19.50 -17.79
CA VAL A 268 -21.70 19.43 -19.26
C VAL A 268 -21.56 20.81 -19.94
N LYS A 269 -20.85 21.71 -19.29
CA LYS A 269 -20.50 22.99 -19.92
C LYS A 269 -19.44 22.75 -21.01
N LEU A 270 -19.32 23.70 -21.94
CA LEU A 270 -18.39 23.55 -23.05
C LEU A 270 -16.94 23.52 -22.56
N SER A 271 -16.27 22.41 -22.84
CA SER A 271 -14.88 22.23 -22.43
C SER A 271 -14.13 21.27 -23.37
N GLU A 272 -12.81 21.35 -23.32
CA GLU A 272 -11.94 20.44 -24.06
C GLU A 272 -11.07 19.66 -23.08
N ILE A 273 -11.00 18.35 -23.25
CA ILE A 273 -10.05 17.54 -22.48
C ILE A 273 -8.77 17.33 -23.30
N THR A 274 -7.65 17.77 -22.73
CA THR A 274 -6.33 17.62 -23.37
C THR A 274 -5.69 16.27 -22.98
N GLU A 275 -4.72 15.84 -23.78
CA GLU A 275 -4.00 14.59 -23.53
C GLU A 275 -2.96 14.76 -22.41
N ASN B 4 30.72 -17.73 23.43
CA ASN B 4 30.75 -16.28 23.05
C ASN B 4 31.83 -15.98 22.02
N THR B 5 31.98 -16.88 21.04
CA THR B 5 32.90 -16.70 19.92
C THR B 5 32.17 -16.71 18.58
N ILE B 6 32.85 -16.28 17.52
CA ILE B 6 32.29 -16.31 16.17
C ILE B 6 32.00 -17.76 15.73
N GLU B 7 32.80 -18.70 16.22
CA GLU B 7 32.59 -20.13 15.98
C GLU B 7 31.28 -20.62 16.59
N ASP B 8 30.92 -20.08 17.75
CA ASP B 8 29.67 -20.43 18.44
C ASP B 8 28.46 -19.90 17.69
N ALA B 9 28.58 -18.71 17.09
CA ALA B 9 27.53 -18.13 16.27
C ALA B 9 27.26 -18.98 15.04
N VAL B 10 28.33 -19.46 14.40
CA VAL B 10 28.25 -20.35 13.24
C VAL B 10 27.55 -21.67 13.61
N LYS B 11 27.97 -22.27 14.72
CA LYS B 11 27.34 -23.50 15.21
C LYS B 11 25.84 -23.32 15.43
N LEU B 12 25.46 -22.20 16.07
CA LEU B 12 24.05 -21.85 16.26
C LEU B 12 23.31 -21.66 14.94
N LEU B 13 23.95 -20.97 13.99
CA LEU B 13 23.38 -20.74 12.66
C LEU B 13 23.17 -22.03 11.88
N GLN B 14 24.05 -23.00 12.09
CA GLN B 14 23.96 -24.30 11.43
C GLN B 14 22.92 -25.22 12.06
N GLU B 15 22.67 -25.04 13.36
CA GLU B 15 21.76 -25.92 14.12
C GLU B 15 20.32 -25.44 14.20
N CYS B 16 20.11 -24.12 14.26
CA CYS B 16 18.78 -23.56 14.50
C CYS B 16 17.94 -23.39 13.23
N LYS B 17 16.64 -23.63 13.36
CA LYS B 17 15.73 -23.68 12.21
C LYS B 17 14.61 -22.64 12.23
N LYS B 18 14.42 -21.99 13.37
CA LYS B 18 13.36 -20.99 13.54
C LYS B 18 13.94 -19.69 14.09
N ILE B 19 14.66 -18.97 13.23
CA ILE B 19 15.42 -17.79 13.63
C ILE B 19 14.59 -16.51 13.55
N ILE B 20 14.61 -15.72 14.63
CA ILE B 20 14.10 -14.36 14.59
C ILE B 20 15.28 -13.39 14.46
N VAL B 21 15.20 -12.52 13.46
CA VAL B 21 16.17 -11.45 13.30
C VAL B 21 15.50 -10.12 13.63
N LEU B 22 16.08 -9.40 14.58
CA LEU B 22 15.60 -8.09 14.98
C LEU B 22 16.59 -7.06 14.43
N THR B 23 16.12 -6.20 13.54
CA THR B 23 17.01 -5.22 12.91
C THR B 23 16.62 -3.80 13.26
N GLY B 24 17.65 -2.94 13.34
CA GLY B 24 17.46 -1.51 13.53
C GLY B 24 18.22 -0.75 12.45
N ALA B 25 18.35 0.56 12.65
CA ALA B 25 18.89 1.46 11.62
C ALA B 25 20.33 1.18 11.22
N GLY B 26 21.06 0.44 12.06
CA GLY B 26 22.44 0.05 11.78
C GLY B 26 22.64 -0.75 10.51
N VAL B 27 21.63 -1.54 10.11
CA VAL B 27 21.75 -2.38 8.91
C VAL B 27 21.72 -1.58 7.59
N SER B 28 21.24 -0.35 7.65
CA SER B 28 21.10 0.47 6.45
C SER B 28 22.15 1.59 6.35
N VAL B 29 23.07 1.63 7.31
CA VAL B 29 24.13 2.65 7.33
C VAL B 29 25.07 2.54 6.13
N SER B 30 25.43 1.31 5.75
CA SER B 30 26.28 1.07 4.58
C SER B 30 25.57 1.41 3.27
N CYS B 31 24.24 1.42 3.29
CA CYS B 31 23.44 1.77 2.12
C CYS B 31 23.40 3.28 1.91
N GLY B 32 23.78 4.03 2.94
CA GLY B 32 23.77 5.49 2.88
C GLY B 32 22.71 6.14 3.75
N ILE B 33 21.96 5.32 4.49
CA ILE B 33 20.94 5.83 5.42
C ILE B 33 21.52 5.87 6.83
N PRO B 34 21.59 7.08 7.43
CA PRO B 34 22.15 7.20 8.79
C PRO B 34 21.27 6.54 9.86
N ASP B 35 21.89 6.13 10.96
CA ASP B 35 21.13 5.66 12.12
C ASP B 35 20.62 6.86 12.93
N PHE B 36 20.04 6.60 14.10
CA PHE B 36 19.48 7.68 14.90
C PHE B 36 20.45 8.32 15.89
N ARG B 37 21.14 7.49 16.67
CA ARG B 37 21.78 7.95 17.91
C ARG B 37 23.31 8.06 17.89
N SER B 38 23.93 7.71 16.76
CA SER B 38 25.38 7.85 16.62
C SER B 38 25.79 9.31 16.40
N ARG B 39 27.08 9.56 16.41
CA ARG B 39 27.62 10.91 16.18
C ARG B 39 27.33 11.43 14.77
N ASP B 40 27.10 10.50 13.84
CA ASP B 40 26.67 10.87 12.48
C ASP B 40 25.23 10.41 12.20
N GLY B 41 24.41 10.39 13.25
CA GLY B 41 23.03 9.95 13.16
C GLY B 41 22.05 11.05 12.87
N ILE B 42 20.78 10.66 12.73
CA ILE B 42 19.67 11.56 12.41
C ILE B 42 19.60 12.75 13.38
N TYR B 43 19.69 12.49 14.67
CA TYR B 43 19.60 13.54 15.68
C TYR B 43 20.67 14.63 15.50
N ALA B 44 21.89 14.19 15.20
CA ALA B 44 23.01 15.10 14.98
C ALA B 44 22.79 16.04 13.79
N ARG B 45 22.28 15.50 12.68
CA ARG B 45 22.04 16.32 11.49
C ARG B 45 20.75 17.14 11.57
N LEU B 46 19.76 16.63 12.31
CA LEU B 46 18.54 17.39 12.60
C LEU B 46 18.79 18.62 13.45
N ALA B 47 19.75 18.53 14.37
CA ALA B 47 20.13 19.66 15.23
C ALA B 47 20.70 20.82 14.40
N VAL B 48 21.34 20.49 13.29
CA VAL B 48 21.91 21.48 12.37
C VAL B 48 20.87 21.95 11.35
N ASP B 49 20.22 20.99 10.68
CA ASP B 49 19.29 21.29 9.58
C ASP B 49 17.92 21.82 10.03
N PHE B 50 17.50 21.44 11.24
CA PHE B 50 16.22 21.89 11.78
C PHE B 50 16.37 22.45 13.20
N PRO B 51 17.09 23.59 13.34
CA PRO B 51 17.39 24.14 14.67
C PRO B 51 16.19 24.69 15.43
N ASP B 52 15.09 24.96 14.70
CA ASP B 52 13.88 25.53 15.31
C ASP B 52 13.05 24.54 16.11
N LEU B 53 13.34 23.25 15.96
CA LEU B 53 12.70 22.19 16.75
C LEU B 53 13.12 22.31 18.22
N PRO B 54 12.19 21.99 19.15
CA PRO B 54 12.52 21.97 20.59
C PRO B 54 13.71 21.07 20.88
N ASP B 55 13.67 19.86 20.31
CA ASP B 55 14.79 18.92 20.31
C ASP B 55 14.67 18.08 19.04
N PRO B 56 15.76 17.40 18.62
CA PRO B 56 15.68 16.57 17.41
C PRO B 56 14.60 15.48 17.49
N GLN B 57 14.29 15.06 18.72
CA GLN B 57 13.28 14.03 19.00
C GLN B 57 11.87 14.44 18.54
N ALA B 58 11.64 15.74 18.38
CA ALA B 58 10.32 16.27 18.05
C ALA B 58 9.86 15.94 16.63
N MET B 59 10.82 15.71 15.73
CA MET B 59 10.55 15.42 14.32
C MET B 59 9.64 14.20 14.12
N PHE B 60 9.74 13.22 15.00
CA PHE B 60 8.91 12.02 14.92
C PHE B 60 8.16 11.80 16.25
N ASP B 61 7.62 12.89 16.80
CA ASP B 61 6.86 12.85 18.04
C ASP B 61 5.44 13.31 17.73
N ILE B 62 4.45 12.52 18.16
CA ILE B 62 3.05 12.80 17.82
C ILE B 62 2.54 14.10 18.44
N GLU B 63 3.00 14.41 19.66
CA GLU B 63 2.61 15.65 20.33
C GLU B 63 3.08 16.90 19.58
N TYR B 64 4.32 16.89 19.09
CA TYR B 64 4.82 18.02 18.30
C TYR B 64 4.18 18.09 16.92
N PHE B 65 3.96 16.93 16.30
CA PHE B 65 3.33 16.85 14.99
C PHE B 65 1.94 17.50 15.00
N ARG B 66 1.16 17.19 16.04
CA ARG B 66 -0.16 17.79 16.25
C ARG B 66 -0.08 19.32 16.39
N LYS B 67 0.97 19.78 17.06
CA LYS B 67 1.24 21.21 17.25
C LYS B 67 1.66 21.86 15.93
N ASP B 68 2.63 21.28 15.25
CA ASP B 68 3.13 21.81 13.98
C ASP B 68 3.67 20.68 13.09
N PRO B 69 2.91 20.32 12.03
CA PRO B 69 3.28 19.24 11.11
C PRO B 69 4.19 19.68 9.96
N ARG B 70 4.49 20.97 9.86
CA ARG B 70 5.29 21.50 8.74
C ARG B 70 6.74 20.98 8.68
N PRO B 71 7.46 20.92 9.82
CA PRO B 71 8.82 20.39 9.77
C PRO B 71 8.89 18.95 9.24
N PHE B 72 7.98 18.08 9.68
CA PHE B 72 7.94 16.70 9.18
C PHE B 72 7.79 16.65 7.67
N PHE B 73 6.89 17.45 7.12
CA PHE B 73 6.62 17.40 5.69
C PHE B 73 7.66 18.13 4.84
N LYS B 74 8.48 18.96 5.49
CA LYS B 74 9.70 19.48 4.88
C LYS B 74 10.75 18.38 4.73
N PHE B 75 10.76 17.45 5.68
CA PHE B 75 11.80 16.43 5.83
C PHE B 75 11.44 15.07 5.24
N ALA B 76 10.14 14.77 5.16
CA ALA B 76 9.62 13.45 4.78
C ALA B 76 10.20 12.88 3.48
N LYS B 77 10.40 13.74 2.48
CA LYS B 77 10.94 13.30 1.18
C LYS B 77 12.37 12.75 1.28
N GLU B 78 13.11 13.17 2.30
CA GLU B 78 14.48 12.70 2.53
C GLU B 78 14.52 11.28 3.06
N ILE B 79 13.46 10.87 3.76
CA ILE B 79 13.38 9.51 4.32
C ILE B 79 12.38 8.60 3.59
N TYR B 80 11.83 9.10 2.48
CA TYR B 80 10.90 8.33 1.66
C TYR B 80 11.63 7.18 0.98
N PRO B 81 11.03 5.97 0.97
CA PRO B 81 11.69 4.79 0.40
C PRO B 81 11.86 4.85 -1.12
N GLY B 82 12.75 4.00 -1.64
CA GLY B 82 12.89 3.79 -3.07
C GLY B 82 14.11 4.41 -3.73
N GLN B 83 15.07 4.88 -2.94
CA GLN B 83 16.27 5.51 -3.49
C GLN B 83 17.59 4.84 -3.08
N PHE B 84 17.50 3.76 -2.31
CA PHE B 84 18.69 3.04 -1.85
C PHE B 84 18.66 1.56 -2.19
N GLN B 85 19.84 0.93 -2.16
CA GLN B 85 19.97 -0.51 -2.42
C GLN B 85 20.28 -1.27 -1.13
N PRO B 86 19.71 -2.49 -0.98
CA PRO B 86 19.88 -3.24 0.27
C PRO B 86 21.33 -3.66 0.54
N SER B 87 21.66 -3.80 1.81
CA SER B 87 23.01 -4.18 2.25
C SER B 87 23.22 -5.70 2.24
N LEU B 88 24.44 -6.11 2.56
CA LEU B 88 24.79 -7.52 2.73
C LEU B 88 23.91 -8.17 3.82
N CYS B 89 23.67 -7.44 4.91
CA CYS B 89 22.82 -7.92 5.99
C CYS B 89 21.41 -8.26 5.52
N HIS B 90 20.81 -7.35 4.75
CA HIS B 90 19.51 -7.58 4.13
C HIS B 90 19.51 -8.83 3.29
N LYS B 91 20.57 -9.00 2.50
CA LYS B 91 20.72 -10.16 1.61
C LYS B 91 20.92 -11.47 2.37
N PHE B 92 21.60 -11.39 3.52
CA PHE B 92 21.79 -12.55 4.39
C PHE B 92 20.46 -13.01 4.98
N ILE B 93 19.64 -12.05 5.44
CA ILE B 93 18.32 -12.35 5.98
C ILE B 93 17.41 -12.93 4.89
N ALA B 94 17.51 -12.36 3.68
CA ALA B 94 16.77 -12.84 2.52
C ALA B 94 17.12 -14.30 2.19
N LEU B 95 18.42 -14.63 2.21
CA LEU B 95 18.86 -15.99 1.95
C LEU B 95 18.37 -16.97 3.03
N SER B 96 18.42 -16.54 4.29
CA SER B 96 17.91 -17.36 5.40
C SER B 96 16.42 -17.67 5.24
N ASP B 97 15.68 -16.72 4.68
CA ASP B 97 14.26 -16.88 4.41
C ASP B 97 14.02 -17.88 3.27
N LYS B 98 14.80 -17.76 2.20
CA LYS B 98 14.75 -18.71 1.07
C LYS B 98 15.11 -20.11 1.53
N GLU B 99 16.09 -20.23 2.44
CA GLU B 99 16.52 -21.52 2.98
C GLU B 99 15.53 -22.12 3.96
N GLY B 100 14.51 -21.35 4.33
CA GLY B 100 13.45 -21.82 5.22
C GLY B 100 13.81 -21.79 6.70
N LYS B 101 14.88 -21.07 7.04
CA LYS B 101 15.38 -21.02 8.43
C LYS B 101 14.91 -19.77 9.20
N LEU B 102 14.29 -18.82 8.49
CA LEU B 102 13.84 -17.58 9.12
C LEU B 102 12.38 -17.65 9.59
N LEU B 103 12.19 -17.55 10.90
CA LEU B 103 10.85 -17.45 11.46
C LEU B 103 10.26 -16.06 11.21
N ARG B 104 11.06 -15.02 11.47
CA ARG B 104 10.62 -13.64 11.28
C ARG B 104 11.77 -12.64 11.31
N ASN B 105 11.68 -11.65 10.43
CA ASN B 105 12.50 -10.46 10.55
C ASN B 105 11.63 -9.32 11.06
N TYR B 106 11.81 -8.97 12.33
CA TYR B 106 11.21 -7.77 12.90
C TYR B 106 12.12 -6.58 12.62
N THR B 107 11.66 -5.67 11.77
CA THR B 107 12.45 -4.48 11.45
C THR B 107 11.87 -3.21 12.07
N GLN B 108 12.76 -2.36 12.57
CA GLN B 108 12.39 -1.07 13.12
C GLN B 108 12.55 0.02 12.06
N ASN B 109 13.10 -0.35 10.91
CA ASN B 109 13.32 0.58 9.81
C ASN B 109 12.06 0.78 8.98
N ILE B 110 11.97 1.95 8.35
CA ILE B 110 10.86 2.28 7.45
C ILE B 110 11.33 2.33 6.01
N ASP B 111 12.64 2.15 5.79
CA ASP B 111 13.26 2.30 4.47
C ASP B 111 12.76 1.30 3.42
N THR B 112 12.16 0.20 3.89
CA THR B 112 11.52 -0.81 3.04
C THR B 112 12.53 -1.55 2.13
N LEU B 113 13.80 -1.55 2.53
CA LEU B 113 14.85 -2.27 1.81
C LEU B 113 14.68 -3.79 1.87
N GLU B 114 13.96 -4.26 2.90
CA GLU B 114 13.62 -5.67 3.04
C GLU B 114 12.83 -6.19 1.83
N GLN B 115 11.95 -5.34 1.31
CA GLN B 115 11.14 -5.67 0.13
C GLN B 115 11.97 -5.72 -1.14
N VAL B 116 13.00 -4.88 -1.22
CA VAL B 116 13.92 -4.89 -2.35
C VAL B 116 14.81 -6.14 -2.31
N ALA B 117 15.27 -6.50 -1.11
CA ALA B 117 16.14 -7.67 -0.92
C ALA B 117 15.41 -9.00 -1.09
N GLY B 118 14.09 -8.98 -0.88
CA GLY B 118 13.27 -10.16 -1.06
C GLY B 118 13.03 -10.97 0.20
N ILE B 119 12.91 -10.29 1.33
CA ILE B 119 12.54 -10.96 2.59
C ILE B 119 11.02 -11.01 2.68
N GLN B 120 10.48 -12.23 2.77
CA GLN B 120 9.03 -12.41 2.84
C GLN B 120 8.51 -12.37 4.29
N ARG B 121 9.18 -13.12 5.16
CA ARG B 121 8.77 -13.25 6.57
C ARG B 121 9.17 -12.02 7.36
N ILE B 122 8.47 -10.92 7.11
CA ILE B 122 8.89 -9.60 7.58
C ILE B 122 7.78 -8.89 8.35
N ILE B 123 8.17 -8.21 9.42
CA ILE B 123 7.27 -7.35 10.16
C ILE B 123 7.89 -5.96 10.22
N GLN B 124 7.17 -4.98 9.70
CA GLN B 124 7.57 -3.58 9.84
C GLN B 124 7.00 -3.01 11.13
N CYS B 125 7.76 -3.18 12.21
CA CYS B 125 7.33 -2.83 13.56
C CYS B 125 6.95 -1.36 13.72
N HIS B 126 7.65 -0.49 13.00
CA HIS B 126 7.43 0.95 13.11
C HIS B 126 6.73 1.52 11.91
N GLY B 127 5.97 0.67 11.22
CA GLY B 127 5.14 1.08 10.09
C GLY B 127 5.91 1.42 8.84
N SER B 128 5.24 2.09 7.91
CA SER B 128 5.84 2.51 6.65
C SER B 128 5.02 3.62 5.99
N PHE B 129 5.57 4.17 4.90
CA PHE B 129 4.90 5.20 4.10
C PHE B 129 3.79 4.64 3.21
N ALA B 130 3.63 3.32 3.16
CA ALA B 130 2.66 2.66 2.27
C ALA B 130 1.23 3.18 2.42
N THR B 131 0.86 3.57 3.64
CA THR B 131 -0.45 4.14 3.89
C THR B 131 -0.33 5.45 4.69
N ALA B 132 -1.39 6.25 4.63
CA ALA B 132 -1.49 7.47 5.42
C ALA B 132 -2.85 7.55 6.09
N SER B 133 -2.90 8.21 7.24
CA SER B 133 -4.11 8.26 8.06
C SER B 133 -4.37 9.66 8.58
N CYS B 134 -5.64 10.06 8.61
CA CYS B 134 -6.03 11.36 9.16
C CYS B 134 -5.98 11.32 10.69
N LEU B 135 -5.36 12.34 11.28
CA LEU B 135 -5.23 12.43 12.74
C LEU B 135 -6.58 12.45 13.46
N ILE B 136 -7.55 13.15 12.86
CA ILE B 136 -8.87 13.32 13.46
C ILE B 136 -9.80 12.13 13.23
N CYS B 137 -10.11 11.83 11.97
CA CYS B 137 -11.14 10.84 11.63
C CYS B 137 -10.62 9.43 11.33
N LYS B 138 -9.30 9.28 11.28
CA LYS B 138 -8.62 8.00 11.01
C LYS B 138 -8.87 7.43 9.60
N TYR B 139 -9.25 8.30 8.67
CA TYR B 139 -9.43 7.93 7.27
C TYR B 139 -8.11 7.49 6.63
N LYS B 140 -8.12 6.31 6.03
CA LYS B 140 -6.92 5.72 5.42
C LYS B 140 -6.85 5.88 3.91
N VAL B 141 -5.66 6.24 3.42
CA VAL B 141 -5.38 6.23 1.98
C VAL B 141 -4.11 5.43 1.72
N ASP B 142 -3.88 5.06 0.48
CA ASP B 142 -2.60 4.47 0.08
C ASP B 142 -1.64 5.61 -0.29
N CYS B 143 -0.35 5.32 -0.25
CA CYS B 143 0.69 6.34 -0.38
C CYS B 143 0.54 7.29 -1.59
N GLU B 144 0.08 6.74 -2.71
CA GLU B 144 -0.06 7.53 -3.96
C GLU B 144 -0.91 8.78 -3.80
N ALA B 145 -1.95 8.69 -2.98
CA ALA B 145 -2.83 9.82 -2.70
C ALA B 145 -2.11 11.00 -2.06
N VAL B 146 -1.04 10.73 -1.32
CA VAL B 146 -0.29 11.78 -0.61
C VAL B 146 1.15 11.98 -1.09
N ARG B 147 1.57 11.20 -2.09
CA ARG B 147 2.95 11.22 -2.58
C ARG B 147 3.34 12.57 -3.19
N GLY B 148 2.44 13.16 -3.97
CA GLY B 148 2.66 14.48 -4.59
C GLY B 148 2.92 15.57 -3.56
N ASP B 149 2.11 15.59 -2.50
CA ASP B 149 2.25 16.54 -1.40
C ASP B 149 3.57 16.40 -0.66
N ILE B 150 3.98 15.15 -0.41
CA ILE B 150 5.24 14.86 0.27
C ILE B 150 6.45 15.38 -0.52
N PHE B 151 6.49 15.09 -1.82
CA PHE B 151 7.60 15.53 -2.68
C PHE B 151 7.58 17.03 -2.99
N ASN B 152 6.46 17.69 -2.69
CA ASN B 152 6.36 19.15 -2.79
C ASN B 152 6.50 19.83 -1.43
N GLN B 153 6.79 19.04 -0.39
CA GLN B 153 6.95 19.51 0.99
C GLN B 153 5.69 20.19 1.56
N VAL B 154 4.54 19.77 1.06
CA VAL B 154 3.24 20.33 1.44
C VAL B 154 2.55 19.39 2.44
N VAL B 155 1.79 19.99 3.36
CA VAL B 155 0.98 19.22 4.32
C VAL B 155 -0.29 18.70 3.63
N PRO B 156 -0.40 17.36 3.46
CA PRO B 156 -1.59 16.77 2.84
C PRO B 156 -2.80 16.81 3.78
N ARG B 157 -3.93 17.27 3.25
CA ARG B 157 -5.13 17.40 4.06
C ARG B 157 -6.12 16.27 3.81
N CYS B 158 -6.93 15.97 4.83
CA CYS B 158 -7.95 14.94 4.76
C CYS B 158 -9.09 15.35 3.82
N PRO B 159 -9.51 14.43 2.92
CA PRO B 159 -10.64 14.70 2.02
C PRO B 159 -12.00 14.69 2.73
N ARG B 160 -12.11 13.90 3.80
CA ARG B 160 -13.38 13.78 4.55
C ARG B 160 -13.67 14.97 5.44
N CYS B 161 -12.70 15.33 6.28
CA CYS B 161 -12.86 16.40 7.26
C CYS B 161 -13.02 17.78 6.60
N PRO B 162 -13.78 18.69 7.26
CA PRO B 162 -13.96 20.05 6.74
C PRO B 162 -12.64 20.84 6.75
N ALA B 163 -12.52 21.79 5.82
CA ALA B 163 -11.29 22.58 5.67
C ALA B 163 -10.98 23.47 6.88
N ASP B 164 -11.95 23.66 7.76
CA ASP B 164 -11.80 24.51 8.94
C ASP B 164 -11.11 23.81 10.12
N GLU B 165 -10.95 22.49 10.05
CA GLU B 165 -10.24 21.72 11.08
C GLU B 165 -8.74 21.69 10.78
N PRO B 166 -7.92 22.24 11.70
CA PRO B 166 -6.48 22.39 11.46
C PRO B 166 -5.69 21.08 11.58
N LEU B 167 -6.22 20.13 12.33
CA LEU B 167 -5.54 18.85 12.57
C LEU B 167 -5.96 17.73 11.60
N ALA B 168 -6.77 18.08 10.60
CA ALA B 168 -7.19 17.13 9.57
C ALA B 168 -6.04 16.88 8.58
N ILE B 169 -5.00 16.22 9.08
CA ILE B 169 -3.75 16.04 8.36
C ILE B 169 -3.56 14.56 8.05
N MET B 170 -3.18 14.27 6.80
CA MET B 170 -2.87 12.90 6.41
C MET B 170 -1.45 12.56 6.82
N LYS B 171 -1.32 11.82 7.92
CA LYS B 171 -0.02 11.40 8.41
C LYS B 171 0.33 10.00 7.89
N PRO B 172 1.53 9.85 7.26
CA PRO B 172 2.05 8.54 6.87
C PRO B 172 2.08 7.61 8.06
N GLU B 173 1.69 6.35 7.86
CA GLU B 173 1.57 5.41 8.97
C GLU B 173 2.92 4.81 9.40
N ILE B 174 3.85 5.71 9.71
CA ILE B 174 5.09 5.36 10.40
C ILE B 174 4.89 5.72 11.87
N VAL B 175 5.44 4.91 12.77
CA VAL B 175 5.12 5.04 14.20
C VAL B 175 5.96 6.10 14.91
N PHE B 176 5.29 7.16 15.35
CA PHE B 176 5.88 8.25 16.13
C PHE B 176 5.84 7.89 17.60
N PHE B 177 6.65 8.56 18.42
CA PHE B 177 6.52 8.44 19.88
C PHE B 177 5.10 8.80 20.29
N GLY B 178 4.50 7.95 21.13
CA GLY B 178 3.14 8.18 21.62
C GLY B 178 2.07 7.42 20.85
N GLU B 179 2.46 6.83 19.72
CA GLU B 179 1.53 6.09 18.87
C GLU B 179 1.64 4.58 19.10
N ASN B 180 0.53 3.87 18.87
CA ASN B 180 0.54 2.41 18.93
C ASN B 180 1.15 1.81 17.67
N LEU B 181 1.72 0.62 17.83
CA LEU B 181 2.33 -0.09 16.72
C LEU B 181 1.25 -0.83 15.93
N PRO B 182 1.54 -1.16 14.65
CA PRO B 182 0.57 -1.93 13.86
C PRO B 182 0.23 -3.26 14.53
N GLU B 183 -1.04 -3.65 14.45
CA GLU B 183 -1.54 -4.89 15.05
C GLU B 183 -0.77 -6.14 14.62
N GLN B 184 -0.24 -6.11 13.40
CA GLN B 184 0.57 -7.20 12.85
C GLN B 184 1.73 -7.56 13.78
N PHE B 185 2.35 -6.55 14.38
CA PHE B 185 3.48 -6.74 15.30
C PHE B 185 3.10 -7.58 16.53
N HIS B 186 2.01 -7.23 17.19
CA HIS B 186 1.56 -7.94 18.39
C HIS B 186 1.06 -9.31 18.06
N ARG B 187 0.41 -9.43 16.90
CA ARG B 187 -0.10 -10.71 16.41
C ARG B 187 1.04 -11.69 16.15
N ALA B 188 2.09 -11.22 15.48
CA ALA B 188 3.25 -12.06 15.15
C ALA B 188 4.03 -12.48 16.40
N MET B 189 4.28 -11.55 17.32
CA MET B 189 5.01 -11.84 18.55
C MET B 189 4.33 -12.88 19.41
N LYS B 190 3.01 -12.79 19.51
CA LYS B 190 2.18 -13.74 20.27
C LYS B 190 2.40 -15.19 19.81
N TYR B 191 2.59 -15.38 18.51
CA TYR B 191 2.86 -16.70 17.94
C TYR B 191 4.35 -17.05 17.90
N ASP B 192 5.19 -16.09 17.49
CA ASP B 192 6.62 -16.34 17.30
C ASP B 192 7.38 -16.69 18.58
N LYS B 193 6.96 -16.11 19.70
CA LYS B 193 7.67 -16.30 20.97
C LYS B 193 7.76 -17.76 21.42
N ASP B 194 6.82 -18.59 20.98
CA ASP B 194 6.80 -20.01 21.34
C ASP B 194 7.46 -20.91 20.30
N GLU B 195 7.81 -20.35 19.15
CA GLU B 195 8.42 -21.10 18.05
C GLU B 195 9.93 -20.86 17.92
N VAL B 196 10.36 -19.64 18.28
CA VAL B 196 11.75 -19.20 18.11
C VAL B 196 12.78 -20.11 18.80
N ASP B 197 13.84 -20.45 18.07
CA ASP B 197 14.95 -21.23 18.63
C ASP B 197 16.30 -20.49 18.58
N LEU B 198 16.30 -19.31 17.96
CA LEU B 198 17.45 -18.41 17.97
C LEU B 198 17.03 -16.98 17.67
N LEU B 199 17.59 -16.04 18.42
CA LEU B 199 17.31 -14.62 18.23
C LEU B 199 18.61 -13.88 17.89
N ILE B 200 18.59 -13.15 16.78
CA ILE B 200 19.74 -12.34 16.38
C ILE B 200 19.32 -10.88 16.34
N VAL B 201 20.03 -10.04 17.08
CA VAL B 201 19.82 -8.60 17.04
C VAL B 201 20.92 -7.96 16.20
N ILE B 202 20.54 -7.21 15.17
CA ILE B 202 21.51 -6.54 14.29
C ILE B 202 21.24 -5.04 14.17
N GLY B 203 22.25 -4.25 14.51
CA GLY B 203 22.25 -2.82 14.25
C GLY B 203 21.16 -2.02 14.96
N SER B 204 20.92 -2.35 16.22
CA SER B 204 19.94 -1.64 17.04
C SER B 204 20.46 -1.40 18.44
N SER B 205 20.16 -0.22 18.98
CA SER B 205 20.50 0.10 20.36
C SER B 205 19.45 -0.44 21.35
N LEU B 206 18.30 -0.85 20.83
CA LEU B 206 17.20 -1.41 21.63
C LEU B 206 16.79 -0.51 22.81
N LYS B 207 16.63 0.78 22.51
CA LYS B 207 16.25 1.76 23.53
C LYS B 207 14.77 2.14 23.47
N VAL B 208 14.06 1.57 22.49
CA VAL B 208 12.68 1.95 22.20
C VAL B 208 11.70 0.79 22.44
N ARG B 209 10.76 1.03 23.34
CA ARG B 209 9.67 0.09 23.65
C ARG B 209 8.58 0.19 22.59
N PRO B 210 7.84 -0.91 22.32
CA PRO B 210 7.95 -2.25 22.93
C PRO B 210 8.91 -3.22 22.22
N VAL B 211 9.47 -2.84 21.08
CA VAL B 211 10.43 -3.70 20.38
C VAL B 211 11.61 -4.12 21.28
N ALA B 212 12.07 -3.20 22.12
CA ALA B 212 13.16 -3.48 23.07
C ALA B 212 12.82 -4.58 24.08
N LEU B 213 11.54 -4.93 24.18
CA LEU B 213 11.07 -5.96 25.11
C LEU B 213 11.17 -7.37 24.54
N ILE B 214 11.33 -7.48 23.22
CA ILE B 214 11.39 -8.79 22.54
C ILE B 214 12.44 -9.75 23.14
N PRO B 215 13.70 -9.30 23.30
CA PRO B 215 14.73 -10.21 23.84
C PRO B 215 14.38 -10.86 25.19
N SER B 216 13.61 -10.18 26.03
CA SER B 216 13.21 -10.73 27.33
C SER B 216 11.81 -11.32 27.33
N SER B 217 11.10 -11.22 26.21
CA SER B 217 9.74 -11.74 26.11
C SER B 217 9.71 -13.16 25.56
N ILE B 218 10.83 -13.61 25.02
CA ILE B 218 10.96 -14.98 24.54
C ILE B 218 11.59 -15.82 25.64
N PRO B 219 11.42 -17.17 25.58
CA PRO B 219 12.00 -18.01 26.64
C PRO B 219 13.51 -17.75 26.82
N HIS B 220 13.94 -17.72 28.08
CA HIS B 220 15.32 -17.44 28.47
C HIS B 220 16.30 -18.44 27.90
N GLU B 221 15.83 -19.68 27.69
CA GLU B 221 16.70 -20.76 27.20
C GLU B 221 17.08 -20.63 25.73
N VAL B 222 16.34 -19.82 24.98
CA VAL B 222 16.64 -19.56 23.57
C VAL B 222 17.93 -18.75 23.44
N PRO B 223 18.92 -19.29 22.70
CA PRO B 223 20.18 -18.57 22.50
C PRO B 223 20.00 -17.25 21.75
N GLN B 224 20.81 -16.25 22.10
CA GLN B 224 20.70 -14.91 21.51
C GLN B 224 22.06 -14.40 21.05
N ILE B 225 22.09 -13.87 19.83
CA ILE B 225 23.30 -13.32 19.24
C ILE B 225 23.13 -11.82 19.01
N LEU B 226 24.17 -11.05 19.33
CA LEU B 226 24.19 -9.63 19.00
C LEU B 226 25.24 -9.36 17.93
N ILE B 227 24.81 -8.70 16.85
CA ILE B 227 25.70 -8.21 15.80
C ILE B 227 25.57 -6.70 15.80
N ASN B 228 26.56 -6.02 16.36
CA ASN B 228 26.46 -4.59 16.59
C ASN B 228 27.83 -3.94 16.74
N ARG B 229 27.87 -2.62 16.55
CA ARG B 229 29.09 -1.85 16.67
C ARG B 229 29.51 -1.73 18.13
N GLU B 230 28.51 -1.72 19.02
CA GLU B 230 28.71 -1.53 20.45
C GLU B 230 27.88 -2.55 21.25
N PRO B 231 28.34 -2.91 22.47
CA PRO B 231 27.51 -3.78 23.31
C PRO B 231 26.30 -3.02 23.83
N LEU B 232 25.22 -3.74 24.12
CA LEU B 232 24.05 -3.15 24.75
C LEU B 232 24.13 -3.47 26.25
N PRO B 233 24.57 -2.48 27.07
CA PRO B 233 24.91 -2.69 28.48
C PRO B 233 23.78 -3.30 29.30
N HIS B 234 22.54 -2.94 28.98
CA HIS B 234 21.37 -3.40 29.72
C HIS B 234 20.96 -4.83 29.44
N LEU B 235 21.46 -5.39 28.33
CA LEU B 235 21.07 -6.75 27.91
C LEU B 235 22.22 -7.75 27.87
N HIS B 236 21.92 -8.99 28.28
CA HIS B 236 22.87 -10.09 28.20
C HIS B 236 22.59 -11.01 27.03
N PHE B 237 23.57 -11.10 26.14
CA PHE B 237 23.51 -12.00 25.00
C PHE B 237 24.46 -13.17 25.22
N ASP B 238 24.19 -14.29 24.57
CA ASP B 238 25.07 -15.46 24.66
C ASP B 238 26.31 -15.27 23.79
N VAL B 239 26.14 -14.66 22.64
CA VAL B 239 27.25 -14.32 21.74
C VAL B 239 27.17 -12.85 21.36
N GLU B 240 28.26 -12.13 21.58
CA GLU B 240 28.37 -10.74 21.16
C GLU B 240 29.41 -10.60 20.06
N LEU B 241 28.95 -10.29 18.85
CA LEU B 241 29.85 -10.02 17.73
C LEU B 241 29.91 -8.52 17.51
N LEU B 242 31.01 -7.91 17.91
CA LEU B 242 31.14 -6.46 17.91
C LEU B 242 31.97 -5.92 16.74
N GLY B 243 31.38 -4.99 16.00
CA GLY B 243 32.02 -4.39 14.84
C GLY B 243 31.01 -4.04 13.77
N ASP B 244 31.49 -3.80 12.56
CA ASP B 244 30.62 -3.49 11.42
C ASP B 244 29.81 -4.74 11.05
N CYS B 245 28.50 -4.56 10.94
CA CYS B 245 27.58 -5.70 10.73
C CYS B 245 27.77 -6.39 9.38
N ASP B 246 28.10 -5.63 8.35
CA ASP B 246 28.42 -6.21 7.03
C ASP B 246 29.72 -7.00 7.04
N VAL B 247 30.71 -6.50 7.77
CA VAL B 247 31.98 -7.20 7.95
C VAL B 247 31.76 -8.54 8.67
N ILE B 248 30.96 -8.51 9.74
CA ILE B 248 30.66 -9.69 10.53
C ILE B 248 29.85 -10.73 9.74
N ILE B 249 28.80 -10.26 9.07
CA ILE B 249 27.95 -11.13 8.23
C ILE B 249 28.77 -11.75 7.10
N ASN B 250 29.62 -10.95 6.48
CA ASN B 250 30.54 -11.44 5.45
C ASN B 250 31.43 -12.56 5.96
N GLU B 251 31.92 -12.41 7.19
CA GLU B 251 32.74 -13.43 7.84
C GLU B 251 31.93 -14.68 8.18
N LEU B 252 30.69 -14.48 8.61
CA LEU B 252 29.78 -15.59 8.88
C LEU B 252 29.47 -16.37 7.61
N CYS B 253 29.24 -15.64 6.51
CA CYS B 253 28.97 -16.25 5.21
C CYS B 253 30.13 -17.10 4.68
N HIS B 254 31.36 -16.64 4.88
CA HIS B 254 32.55 -17.43 4.56
C HIS B 254 32.55 -18.74 5.30
N ARG B 255 32.31 -18.68 6.61
CA ARG B 255 32.38 -19.85 7.48
C ARG B 255 31.20 -20.82 7.29
N LEU B 256 30.07 -20.30 6.83
CA LEU B 256 28.90 -21.13 6.58
C LEU B 256 28.99 -21.89 5.26
N GLY B 257 29.60 -21.27 4.25
CA GLY B 257 29.77 -21.88 2.94
C GLY B 257 28.49 -22.04 2.16
N GLY B 258 28.53 -22.85 1.12
CA GLY B 258 27.36 -23.13 0.27
C GLY B 258 26.77 -21.90 -0.37
N GLU B 259 25.47 -21.70 -0.13
CA GLU B 259 24.73 -20.56 -0.69
C GLU B 259 25.15 -19.24 -0.04
N TYR B 260 25.52 -19.30 1.24
CA TYR B 260 25.91 -18.11 2.00
C TYR B 260 27.23 -17.52 1.51
N ALA B 261 28.16 -18.39 1.13
CA ALA B 261 29.47 -17.95 0.62
C ALA B 261 29.38 -17.19 -0.71
N LYS B 262 28.26 -17.38 -1.42
CA LYS B 262 28.00 -16.63 -2.66
C LYS B 262 27.70 -15.15 -2.42
N LEU B 263 27.31 -14.82 -1.19
CA LEU B 263 27.00 -13.42 -0.83
C LEU B 263 28.26 -12.62 -0.50
N CYS B 264 29.35 -13.33 -0.23
CA CYS B 264 30.61 -12.71 0.17
C CYS B 264 31.11 -11.65 -0.80
N CYS B 265 31.64 -10.56 -0.24
CA CYS B 265 32.07 -9.41 -1.01
C CYS B 265 33.11 -8.60 -0.23
N ASN B 266 33.26 -7.33 -0.58
CA ASN B 266 34.18 -6.43 0.12
C ASN B 266 33.43 -5.22 0.67
N PRO B 267 32.80 -5.37 1.86
CA PRO B 267 31.92 -4.35 2.42
C PRO B 267 32.63 -3.09 2.91
N VAL B 268 33.92 -3.19 3.24
CA VAL B 268 34.69 -2.03 3.70
C VAL B 268 35.87 -1.66 2.80
N LYS B 269 35.70 -1.85 1.49
CA LYS B 269 36.66 -1.33 0.52
C LYS B 269 36.57 0.19 0.46
N LEU B 270 37.62 0.84 -0.02
CA LEU B 270 37.66 2.30 -0.09
C LEU B 270 36.59 2.84 -1.04
N SER B 271 35.72 3.69 -0.52
CA SER B 271 34.62 4.26 -1.29
C SER B 271 34.17 5.59 -0.70
N GLU B 272 33.53 6.39 -1.54
CA GLU B 272 32.90 7.64 -1.14
C GLU B 272 31.39 7.50 -1.30
N ILE B 273 30.64 7.89 -0.28
CA ILE B 273 29.18 7.99 -0.42
C ILE B 273 28.79 9.43 -0.73
N THR B 274 28.12 9.62 -1.85
CA THR B 274 27.68 10.93 -2.32
C THR B 274 26.44 11.42 -1.56
N GLU B 275 26.14 12.72 -1.70
CA GLU B 275 24.98 13.32 -1.05
C GLU B 275 23.72 13.20 -1.94
#